data_9IV0
#
_entry.id   9IV0
#
_cell.length_a   111.299
_cell.length_b   111.299
_cell.length_c   71.158
_cell.angle_alpha   90.00
_cell.angle_beta   90.00
_cell.angle_gamma   90.00
#
_symmetry.space_group_name_H-M   'I 4'
#
loop_
_entity.id
_entity.type
_entity.pdbx_description
1 polymer 'Peptidase C60, sortase A and B'
2 non-polymer 'CHLORIDE ION'
3 non-polymer 'SODIUM ION'
4 non-polymer GLYCEROL
5 water water
#
_entity_poly.entity_id   1
_entity_poly.type   'polypeptide(L)'
_entity_poly.pdbx_seq_one_letter_code
;MEPLPGSANSRLYIPKTDQNWVVVSGVGPEDIKYGPGWFPESWTPEGMVPAARAGQPGNYAVAGHRVAAVFWDLDKLEEG
DELVLEDAENFYTYQVVESKVVLPNAIEVIAPDPFNPESTEEPEKAYLTLTTCHPKLQNSHRLIVHAELVDTRPKERGMP
DNIAHMAPENEEGLEHHHHHH
;
_entity_poly.pdbx_strand_id   A,B
#
loop_
_chem_comp.id
_chem_comp.type
_chem_comp.name
_chem_comp.formula
CL non-polymer 'CHLORIDE ION' 'Cl -1'
GOL non-polymer GLYCEROL 'C3 H8 O3'
NA non-polymer 'SODIUM ION' 'Na 1'
#
# COMPACT_ATOMS: atom_id res chain seq x y z
N PRO A 3 4.38 -16.86 3.45
CA PRO A 3 5.16 -16.36 4.58
C PRO A 3 4.94 -14.85 4.80
N LEU A 4 4.55 -14.47 6.03
CA LEU A 4 4.30 -13.10 6.41
C LEU A 4 5.59 -12.29 6.44
N PRO A 5 5.60 -10.99 6.04
CA PRO A 5 4.58 -10.43 5.14
C PRO A 5 4.84 -10.97 3.73
N GLY A 6 3.79 -11.15 2.95
CA GLY A 6 3.88 -11.94 1.73
C GLY A 6 4.01 -11.13 0.44
N SER A 7 3.94 -9.78 0.53
CA SER A 7 3.74 -8.96 -0.67
C SER A 7 5.04 -8.64 -1.39
N ALA A 8 4.90 -8.33 -2.68
CA ALA A 8 6.00 -7.88 -3.51
C ALA A 8 5.73 -6.47 -4.02
N ASN A 9 6.80 -5.76 -4.39
CA ASN A 9 6.67 -4.49 -5.06
C ASN A 9 7.04 -4.74 -6.52
N SER A 10 6.89 -3.72 -7.37
CA SER A 10 7.25 -3.79 -8.78
C SER A 10 8.14 -2.63 -9.11
N ARG A 11 8.82 -2.70 -10.28
CA ARG A 11 9.54 -1.57 -10.83
C ARG A 11 8.86 -1.11 -12.12
N LEU A 12 8.84 0.20 -12.32
CA LEU A 12 8.30 0.82 -13.53
C LEU A 12 9.43 1.52 -14.25
N TYR A 13 9.53 1.27 -15.56
CA TYR A 13 10.51 1.89 -16.39
C TYR A 13 9.81 2.63 -17.54
N ILE A 14 10.28 3.83 -17.86
CA ILE A 14 9.79 4.62 -18.98
C ILE A 14 10.97 5.02 -19.86
N PRO A 15 11.24 4.24 -20.93
CA PRO A 15 12.32 4.57 -21.87
C PRO A 15 12.27 6.01 -22.39
N LYS A 16 11.08 6.49 -22.71
CA LYS A 16 10.93 7.79 -23.34
C LYS A 16 11.50 8.89 -22.45
N THR A 17 11.26 8.87 -21.12
CA THR A 17 11.75 9.94 -20.24
C THR A 17 13.03 9.50 -19.54
N ASP A 18 13.50 8.30 -19.84
CA ASP A 18 14.67 7.70 -19.22
C ASP A 18 14.55 7.67 -17.70
N GLN A 19 13.44 7.15 -17.20
CA GLN A 19 13.19 7.12 -15.78
C GLN A 19 12.72 5.74 -15.34
N ASN A 20 12.92 5.44 -14.06
CA ASN A 20 12.40 4.24 -13.49
C ASN A 20 12.28 4.42 -11.98
N TRP A 21 11.41 3.61 -11.37
CA TRP A 21 11.18 3.66 -9.94
C TRP A 21 10.78 2.27 -9.46
N VAL A 22 10.98 2.06 -8.15
CA VAL A 22 10.19 1.07 -7.43
C VAL A 22 8.84 1.68 -7.10
N VAL A 23 7.80 0.95 -7.50
CA VAL A 23 6.43 1.36 -7.28
C VAL A 23 6.01 0.76 -5.94
N VAL A 24 5.63 1.62 -4.98
CA VAL A 24 5.17 1.15 -3.69
C VAL A 24 3.70 0.79 -3.83
N SER A 25 3.16 0.16 -2.79
CA SER A 25 1.74 -0.03 -2.59
C SER A 25 1.15 1.22 -1.95
N GLY A 26 0.00 1.61 -2.49
CA GLY A 26 -0.80 2.66 -1.91
C GLY A 26 -0.51 3.99 -2.58
N VAL A 27 -1.49 4.91 -2.47
CA VAL A 27 -1.41 6.21 -3.10
C VAL A 27 -1.71 7.31 -2.11
N GLY A 28 -1.64 6.99 -0.81
CA GLY A 28 -1.74 8.02 0.22
C GLY A 28 -0.53 8.96 0.18
N PRO A 29 -0.58 10.09 0.91
CA PRO A 29 0.50 11.09 0.84
C PRO A 29 1.86 10.54 1.28
N GLU A 30 1.85 9.67 2.31
CA GLU A 30 3.09 9.10 2.77
C GLU A 30 3.58 8.03 1.80
N ASP A 31 2.65 7.32 1.12
CA ASP A 31 3.02 6.30 0.16
C ASP A 31 3.78 6.89 -1.02
N ILE A 32 3.27 7.98 -1.59
CA ILE A 32 3.85 8.49 -2.83
C ILE A 32 4.72 9.73 -2.57
N LYS A 33 5.13 9.93 -1.33
CA LYS A 33 6.00 11.05 -0.98
C LYS A 33 7.20 11.14 -1.93
N TYR A 34 7.85 10.00 -2.22
CA TYR A 34 9.13 9.99 -2.91
C TYR A 34 9.05 9.34 -4.29
N GLY A 35 7.89 8.82 -4.68
CA GLY A 35 7.82 8.22 -6.00
C GLY A 35 6.44 7.63 -6.22
N PRO A 36 6.23 6.90 -7.31
CA PRO A 36 4.91 6.41 -7.64
C PRO A 36 4.48 5.22 -6.77
N GLY A 37 3.15 5.16 -6.64
CA GLY A 37 2.45 4.12 -5.89
C GLY A 37 1.27 3.54 -6.66
N TRP A 38 0.96 2.30 -6.32
CA TRP A 38 -0.07 1.50 -6.97
C TRP A 38 -1.36 1.59 -6.17
N PHE A 39 -2.45 1.91 -6.88
CA PHE A 39 -3.77 1.85 -6.30
C PHE A 39 -4.09 0.39 -5.96
N PRO A 40 -4.26 0.04 -4.67
CA PRO A 40 -4.51 -1.34 -4.26
C PRO A 40 -5.88 -1.86 -4.66
N GLU A 41 -6.83 -0.96 -4.88
CA GLU A 41 -8.17 -1.35 -5.30
C GLU A 41 -8.56 -0.63 -6.57
N SER A 42 -9.33 -1.31 -7.44
CA SER A 42 -9.91 -0.73 -8.63
C SER A 42 -11.38 -0.38 -8.35
N TRP A 43 -11.88 0.63 -9.07
CA TRP A 43 -13.25 1.08 -8.88
C TRP A 43 -14.19 0.31 -9.80
N THR A 44 -15.35 -0.08 -9.26
CA THR A 44 -16.46 -0.56 -10.07
C THR A 44 -17.73 0.10 -9.56
N PRO A 45 -18.82 0.14 -10.38
CA PRO A 45 -20.10 0.67 -9.92
C PRO A 45 -20.65 -0.03 -8.67
N GLU A 46 -20.27 -1.29 -8.44
CA GLU A 46 -20.74 -2.03 -7.28
C GLU A 46 -19.79 -1.97 -6.08
N GLY A 47 -18.71 -1.18 -6.16
CA GLY A 47 -17.79 -0.96 -5.05
C GLY A 47 -16.36 -1.29 -5.46
N MET A 48 -15.41 -1.10 -4.53
CA MET A 48 -14.00 -1.30 -4.83
C MET A 48 -13.71 -2.79 -4.86
N VAL A 49 -12.80 -3.20 -5.75
CA VAL A 49 -12.33 -4.57 -5.86
C VAL A 49 -10.80 -4.57 -5.84
N PRO A 50 -10.13 -5.70 -5.50
CA PRO A 50 -8.67 -5.78 -5.58
C PRO A 50 -8.17 -5.47 -6.98
N ALA A 51 -7.15 -4.60 -7.05
CA ALA A 51 -6.60 -4.21 -8.33
C ALA A 51 -5.71 -5.32 -8.91
N ALA A 52 -5.52 -5.28 -10.22
CA ALA A 52 -4.58 -6.14 -10.92
C ALA A 52 -3.18 -5.95 -10.36
N ARG A 53 -2.45 -7.07 -10.21
CA ARG A 53 -1.05 -7.04 -9.90
C ARG A 53 -0.34 -6.89 -11.24
N ALA A 54 0.97 -6.67 -11.21
CA ALA A 54 1.70 -6.32 -12.41
C ALA A 54 1.50 -7.39 -13.48
N GLY A 55 1.18 -6.96 -14.70
CA GLY A 55 1.15 -7.85 -15.85
C GLY A 55 -0.17 -8.61 -15.96
N GLN A 56 -1.09 -8.44 -14.98
CA GLN A 56 -2.28 -9.28 -14.85
C GLN A 56 -3.52 -8.61 -15.42
N PRO A 57 -4.54 -9.41 -15.83
CA PRO A 57 -5.77 -8.84 -16.37
C PRO A 57 -6.33 -7.84 -15.36
N GLY A 58 -6.79 -6.70 -15.89
CA GLY A 58 -7.31 -5.64 -15.06
C GLY A 58 -6.52 -4.38 -15.33
N ASN A 59 -6.41 -3.53 -14.30
CA ASN A 59 -5.84 -2.21 -14.49
C ASN A 59 -4.85 -1.97 -13.36
N TYR A 60 -3.56 -2.05 -13.71
CA TYR A 60 -2.53 -1.71 -12.76
C TYR A 60 -2.35 -0.20 -12.81
N ALA A 61 -2.87 0.50 -11.80
CA ALA A 61 -2.92 1.95 -11.84
C ALA A 61 -1.92 2.53 -10.84
N VAL A 62 -1.28 3.59 -11.26
CA VAL A 62 -0.21 4.23 -10.52
C VAL A 62 -0.46 5.72 -10.39
N ALA A 63 -0.29 6.29 -9.17
CA ALA A 63 -0.28 7.72 -8.96
C ALA A 63 1.15 8.22 -8.64
N GLY A 64 1.50 9.38 -9.20
CA GLY A 64 2.77 10.02 -8.88
C GLY A 64 2.64 11.53 -8.98
N HIS A 65 3.39 12.25 -8.12
CA HIS A 65 3.36 13.69 -8.13
C HIS A 65 3.92 14.23 -9.44
N ARG A 66 3.43 15.40 -9.81
CA ARG A 66 3.86 16.06 -11.03
C ARG A 66 5.12 16.89 -10.71
N VAL A 67 6.23 16.20 -10.56
CA VAL A 67 7.47 16.78 -10.05
C VAL A 67 8.63 16.15 -10.81
N ALA A 68 9.79 16.80 -10.75
CA ALA A 68 10.96 16.49 -11.56
C ALA A 68 11.38 15.03 -11.46
N ALA A 69 11.39 14.50 -10.23
CA ALA A 69 11.90 13.15 -10.00
C ALA A 69 10.85 12.08 -10.33
N VAL A 70 9.59 12.50 -10.58
CA VAL A 70 8.51 11.55 -10.78
C VAL A 70 7.82 11.87 -12.10
N PHE A 71 6.55 12.35 -12.10
CA PHE A 71 5.75 12.32 -13.30
C PHE A 71 5.65 13.66 -14.04
N TRP A 72 6.59 14.59 -13.82
CA TRP A 72 6.59 15.85 -14.55
C TRP A 72 6.42 15.63 -16.05
N ASP A 73 7.17 14.69 -16.63
CA ASP A 73 7.26 14.58 -18.08
C ASP A 73 6.30 13.55 -18.67
N LEU A 74 5.28 13.15 -17.91
CA LEU A 74 4.31 12.17 -18.40
C LEU A 74 3.59 12.65 -19.66
N ASP A 75 3.47 13.98 -19.84
CA ASP A 75 2.85 14.54 -21.03
C ASP A 75 3.67 14.23 -22.29
N LYS A 76 4.91 13.77 -22.17
CA LYS A 76 5.71 13.51 -23.36
C LYS A 76 5.40 12.14 -23.95
N LEU A 77 4.71 11.29 -23.20
CA LEU A 77 4.34 9.98 -23.69
C LEU A 77 3.26 10.13 -24.77
N GLU A 78 3.42 9.36 -25.86
CA GLU A 78 2.48 9.32 -26.97
C GLU A 78 2.07 7.88 -27.26
N GLU A 79 0.94 7.71 -27.97
CA GLU A 79 0.51 6.40 -28.42
C GLU A 79 1.68 5.66 -29.02
N GLY A 80 1.81 4.38 -28.65
CA GLY A 80 2.88 3.52 -29.13
C GLY A 80 4.06 3.43 -28.17
N ASP A 81 4.30 4.47 -27.35
CA ASP A 81 5.41 4.43 -26.42
C ASP A 81 5.30 3.25 -25.45
N GLU A 82 6.45 2.68 -25.08
CA GLU A 82 6.52 1.53 -24.21
C GLU A 82 6.76 1.97 -22.77
N LEU A 83 6.11 1.24 -21.88
CA LEU A 83 6.30 1.27 -20.45
C LEU A 83 6.54 -0.16 -19.97
N VAL A 84 7.48 -0.33 -19.04
CA VAL A 84 7.83 -1.68 -18.60
C VAL A 84 7.57 -1.77 -17.10
N LEU A 85 6.82 -2.81 -16.74
CA LEU A 85 6.59 -3.13 -15.35
C LEU A 85 7.31 -4.44 -15.06
N GLU A 86 8.03 -4.50 -13.92
CA GLU A 86 8.81 -5.67 -13.55
C GLU A 86 8.31 -6.21 -12.24
N ASP A 87 7.99 -7.51 -12.18
CA ASP A 87 7.72 -8.19 -10.91
C ASP A 87 8.88 -9.16 -10.66
N ALA A 88 8.69 -10.09 -9.73
CA ALA A 88 9.75 -11.02 -9.38
C ALA A 88 10.10 -11.95 -10.54
N GLU A 89 9.19 -12.20 -11.50
CA GLU A 89 9.45 -13.21 -12.52
C GLU A 89 9.56 -12.66 -13.93
N ASN A 90 8.91 -11.54 -14.23
CA ASN A 90 8.80 -11.10 -15.61
C ASN A 90 8.99 -9.60 -15.76
N PHE A 91 9.41 -9.22 -16.98
CA PHE A 91 9.18 -7.89 -17.51
C PHE A 91 7.92 -7.88 -18.36
N TYR A 92 7.00 -6.96 -18.04
CA TYR A 92 5.78 -6.78 -18.81
C TYR A 92 5.89 -5.47 -19.58
N THR A 93 5.88 -5.54 -20.92
CA THR A 93 5.89 -4.36 -21.74
C THR A 93 4.45 -4.00 -22.10
N TYR A 94 4.08 -2.76 -21.77
CA TYR A 94 2.82 -2.19 -22.18
C TYR A 94 3.08 -1.11 -23.21
N GLN A 95 2.10 -0.86 -24.07
CA GLN A 95 2.19 0.22 -25.03
C GLN A 95 1.07 1.20 -24.78
N VAL A 96 1.41 2.48 -24.82
CA VAL A 96 0.43 3.52 -24.59
C VAL A 96 -0.62 3.47 -25.71
N VAL A 97 -1.88 3.49 -25.29
CA VAL A 97 -3.00 3.50 -26.21
C VAL A 97 -3.76 4.82 -26.09
N GLU A 98 -3.64 5.51 -24.94
CA GLU A 98 -4.31 6.79 -24.79
C GLU A 98 -3.66 7.64 -23.70
N SER A 99 -3.62 8.95 -23.97
CA SER A 99 -3.29 9.94 -22.98
C SER A 99 -4.42 10.99 -22.97
N LYS A 100 -4.94 11.33 -21.78
CA LYS A 100 -6.01 12.30 -21.74
C LYS A 100 -6.04 13.02 -20.40
N VAL A 101 -6.86 14.08 -20.35
CA VAL A 101 -7.01 14.90 -19.18
C VAL A 101 -8.41 14.69 -18.65
N VAL A 102 -8.55 14.52 -17.33
CA VAL A 102 -9.83 14.27 -16.71
C VAL A 102 -9.92 15.13 -15.46
N LEU A 103 -11.11 15.20 -14.86
CA LEU A 103 -11.30 15.92 -13.61
C LEU A 103 -10.84 15.06 -12.42
N PRO A 104 -10.57 15.66 -11.25
CA PRO A 104 -10.03 14.90 -10.11
C PRO A 104 -10.91 13.76 -9.65
N ASN A 105 -12.21 13.84 -9.93
CA ASN A 105 -13.17 12.89 -9.40
C ASN A 105 -13.46 11.75 -10.41
N ALA A 106 -12.72 11.70 -11.53
CA ALA A 106 -12.94 10.72 -12.59
C ALA A 106 -12.36 9.36 -12.17
N ILE A 107 -12.95 8.76 -11.12
CA ILE A 107 -12.42 7.56 -10.51
C ILE A 107 -12.50 6.37 -11.48
N GLU A 108 -13.30 6.51 -12.52
CA GLU A 108 -13.42 5.50 -13.57
C GLU A 108 -12.08 5.14 -14.22
N VAL A 109 -11.10 6.04 -14.18
CA VAL A 109 -9.84 5.77 -14.85
C VAL A 109 -9.10 4.63 -14.14
N ILE A 110 -9.48 4.27 -12.91
CA ILE A 110 -8.86 3.14 -12.23
C ILE A 110 -9.78 1.91 -12.19
N ALA A 111 -10.81 1.89 -13.02
CA ALA A 111 -11.64 0.69 -13.16
C ALA A 111 -10.84 -0.43 -13.80
N PRO A 112 -11.22 -1.69 -13.52
CA PRO A 112 -10.46 -2.83 -14.05
C PRO A 112 -10.31 -2.80 -15.57
N ASP A 113 -11.37 -2.38 -16.25
CA ASP A 113 -11.28 -1.99 -17.65
C ASP A 113 -11.60 -0.51 -17.76
N PRO A 114 -10.59 0.38 -17.89
CA PRO A 114 -10.90 1.80 -17.96
C PRO A 114 -11.59 2.23 -19.26
N PHE A 115 -11.68 1.34 -20.25
CA PHE A 115 -12.44 1.63 -21.45
C PHE A 115 -13.87 1.14 -21.34
N ASN A 116 -14.19 0.36 -20.27
CA ASN A 116 -15.55 -0.07 -19.93
C ASN A 116 -15.72 -0.03 -18.43
N PRO A 117 -15.70 1.16 -17.80
CA PRO A 117 -15.73 1.26 -16.34
C PRO A 117 -16.99 0.76 -15.67
N GLU A 118 -18.12 0.68 -16.41
CA GLU A 118 -19.36 0.21 -15.81
C GLU A 118 -19.44 -1.32 -15.77
N SER A 119 -18.48 -2.02 -16.38
CA SER A 119 -18.45 -3.48 -16.33
C SER A 119 -18.45 -4.00 -14.89
N THR A 120 -19.11 -5.15 -14.70
CA THR A 120 -19.05 -5.87 -13.44
C THR A 120 -18.39 -7.24 -13.65
N GLU A 121 -18.00 -7.52 -14.90
CA GLU A 121 -17.35 -8.77 -15.24
C GLU A 121 -15.85 -8.72 -14.94
N GLU A 122 -15.28 -9.91 -14.81
CA GLU A 122 -13.85 -10.07 -14.62
C GLU A 122 -13.14 -9.56 -15.86
N PRO A 123 -12.05 -8.78 -15.69
CA PRO A 123 -11.36 -8.23 -16.84
C PRO A 123 -10.65 -9.35 -17.56
N GLU A 124 -10.40 -9.13 -18.85
CA GLU A 124 -9.61 -10.05 -19.65
C GLU A 124 -8.32 -9.40 -20.14
N LYS A 125 -8.33 -8.10 -20.44
CA LYS A 125 -7.12 -7.46 -20.93
C LYS A 125 -6.35 -6.88 -19.73
N ALA A 126 -5.03 -6.83 -19.89
CA ALA A 126 -4.13 -6.24 -18.91
C ALA A 126 -3.74 -4.83 -19.33
N TYR A 127 -4.14 -3.87 -18.50
CA TYR A 127 -3.76 -2.48 -18.68
C TYR A 127 -2.86 -1.97 -17.55
N LEU A 128 -2.14 -0.92 -17.91
CA LEU A 128 -1.36 -0.11 -17.00
C LEU A 128 -1.83 1.33 -17.17
N THR A 129 -2.11 1.98 -16.02
CA THR A 129 -2.54 3.37 -16.03
C THR A 129 -1.60 4.19 -15.15
N LEU A 130 -1.08 5.30 -15.69
CA LEU A 130 -0.31 6.28 -14.94
C LEU A 130 -1.14 7.54 -14.76
N THR A 131 -1.16 8.06 -13.53
CA THR A 131 -1.96 9.25 -13.21
C THR A 131 -1.08 10.28 -12.51
N THR A 132 -1.34 11.55 -12.79
CA THR A 132 -0.64 12.64 -12.13
C THR A 132 -1.46 13.91 -12.24
N CYS A 133 -1.03 14.95 -11.53
CA CYS A 133 -1.74 16.21 -11.51
C CYS A 133 -1.51 16.97 -12.79
N HIS A 134 -2.50 17.78 -13.16
CA HIS A 134 -2.43 18.49 -14.41
C HIS A 134 -3.30 19.74 -14.32
N PRO A 135 -3.02 20.84 -15.03
CA PRO A 135 -1.74 21.09 -15.70
C PRO A 135 -0.58 21.16 -14.71
N LYS A 136 0.61 21.25 -15.27
CA LYS A 136 1.81 21.60 -14.52
C LYS A 136 1.50 22.73 -13.54
N LEU A 137 1.86 22.51 -12.26
CA LEU A 137 1.81 23.49 -11.19
C LEU A 137 0.37 23.84 -10.83
N GLN A 138 -0.56 22.96 -11.16
CA GLN A 138 -1.98 23.04 -10.80
C GLN A 138 -2.45 21.64 -10.39
N ASN A 139 -3.61 21.56 -9.76
CA ASN A 139 -4.15 20.25 -9.46
C ASN A 139 -5.64 20.27 -9.77
N SER A 140 -6.01 21.04 -10.81
CA SER A 140 -7.40 21.14 -11.18
C SER A 140 -7.84 19.89 -11.92
N HIS A 141 -6.90 19.20 -12.56
CA HIS A 141 -7.20 18.07 -13.43
C HIS A 141 -6.20 16.94 -13.16
N ARG A 142 -6.36 15.85 -13.91
CA ARG A 142 -5.45 14.72 -13.85
C ARG A 142 -5.07 14.35 -15.27
N LEU A 143 -3.77 14.14 -15.47
CA LEU A 143 -3.24 13.57 -16.69
C LEU A 143 -3.16 12.06 -16.50
N ILE A 144 -3.75 11.36 -17.47
CA ILE A 144 -3.96 9.94 -17.43
C ILE A 144 -3.30 9.33 -18.65
N VAL A 145 -2.47 8.32 -18.45
CA VAL A 145 -1.91 7.55 -19.55
C VAL A 145 -2.33 6.10 -19.35
N HIS A 146 -3.09 5.57 -20.32
CA HIS A 146 -3.47 4.17 -20.33
C HIS A 146 -2.62 3.42 -21.35
N ALA A 147 -2.19 2.21 -21.00
CA ALA A 147 -1.34 1.41 -21.87
C ALA A 147 -1.76 -0.05 -21.76
N GLU A 148 -1.56 -0.81 -22.84
CA GLU A 148 -2.06 -2.19 -22.86
C GLU A 148 -0.87 -3.15 -22.96
N LEU A 149 -1.00 -4.31 -22.32
CA LEU A 149 0.07 -5.29 -22.32
C LEU A 149 0.32 -5.80 -23.74
N VAL A 150 1.58 -5.73 -24.21
CA VAL A 150 1.95 -6.33 -25.49
C VAL A 150 2.99 -7.44 -25.34
N ASP A 151 3.68 -7.59 -24.21
CA ASP A 151 4.72 -8.59 -24.14
C ASP A 151 5.04 -8.96 -22.69
N THR A 152 5.27 -10.26 -22.47
CA THR A 152 5.64 -10.80 -21.18
C THR A 152 6.98 -11.54 -21.36
N ARG A 153 8.04 -11.04 -20.74
CA ARG A 153 9.38 -11.57 -20.93
C ARG A 153 9.89 -12.08 -19.59
N PRO A 154 10.12 -13.41 -19.44
CA PRO A 154 10.64 -13.96 -18.20
C PRO A 154 12.05 -13.42 -18.02
N LYS A 155 12.35 -13.14 -16.73
CA LYS A 155 13.54 -12.43 -16.35
C LYS A 155 14.79 -13.25 -16.70
N GLU A 156 14.65 -14.58 -16.71
CA GLU A 156 15.72 -15.47 -17.16
C GLU A 156 16.29 -15.03 -18.51
N ARG A 157 15.50 -14.35 -19.35
CA ARG A 157 16.05 -13.90 -20.62
C ARG A 157 16.74 -12.54 -20.51
N GLY A 158 16.86 -11.99 -19.30
CA GLY A 158 17.52 -10.70 -19.12
C GLY A 158 16.58 -9.54 -19.48
N MET A 159 17.11 -8.32 -19.29
CA MET A 159 16.33 -7.10 -19.41
C MET A 159 16.17 -6.73 -20.87
N PRO A 160 15.00 -6.19 -21.26
CA PRO A 160 14.83 -5.63 -22.62
C PRO A 160 15.91 -4.61 -22.90
N ASP A 161 16.36 -4.52 -24.15
CA ASP A 161 17.46 -3.67 -24.53
C ASP A 161 17.18 -2.21 -24.20
N ASN A 162 15.92 -1.77 -24.37
CA ASN A 162 15.58 -0.36 -24.18
C ASN A 162 15.61 0.05 -22.70
N ILE A 163 15.73 -0.89 -21.75
CA ILE A 163 15.84 -0.45 -20.36
C ILE A 163 17.09 -1.00 -19.68
N ALA A 164 17.98 -1.66 -20.42
CA ALA A 164 19.06 -2.43 -19.80
C ALA A 164 20.10 -1.55 -19.11
N HIS A 165 20.07 -0.25 -19.41
CA HIS A 165 21.01 0.70 -18.80
C HIS A 165 20.50 1.26 -17.47
N MET A 166 19.26 0.92 -17.07
CA MET A 166 18.61 1.53 -15.91
C MET A 166 18.87 0.67 -14.69
N ALA A 167 20.04 0.88 -14.09
CA ALA A 167 20.52 0.02 -13.04
C ALA A 167 19.97 0.47 -11.70
N PRO A 168 19.71 -0.47 -10.77
CA PRO A 168 19.38 -0.14 -9.38
C PRO A 168 20.63 0.25 -8.62
N GLU A 169 20.41 0.75 -7.40
CA GLU A 169 21.44 1.11 -6.43
C GLU A 169 21.73 -0.08 -5.50
N ASN A 170 20.80 -1.05 -5.33
CA ASN A 170 21.06 -2.18 -4.42
C ASN A 170 20.21 -3.41 -4.77
N GLY A 173 15.57 -5.65 -4.38
CA GLY A 173 14.56 -6.27 -3.49
C GLY A 173 13.13 -5.86 -3.87
N LEU A 174 12.48 -6.71 -4.67
CA LEU A 174 11.06 -6.59 -4.95
C LEU A 174 10.29 -7.49 -3.99
N GLU A 175 10.98 -8.54 -3.50
CA GLU A 175 10.39 -9.53 -2.59
C GLU A 175 11.19 -9.57 -1.31
N HIS A 176 10.52 -10.02 -0.24
CA HIS A 176 11.21 -10.26 1.02
C HIS A 176 12.08 -11.52 0.86
N PRO B 3 -11.79 12.43 -5.10
CA PRO B 3 -10.65 13.02 -5.83
C PRO B 3 -9.41 12.12 -5.82
N LEU B 4 -8.91 11.78 -7.00
CA LEU B 4 -7.75 10.91 -7.18
C LEU B 4 -6.48 11.64 -6.76
N PRO B 5 -5.48 10.96 -6.15
CA PRO B 5 -5.69 9.71 -5.42
C PRO B 5 -6.42 10.02 -4.12
N GLY B 6 -7.25 9.10 -3.64
CA GLY B 6 -8.19 9.42 -2.56
C GLY B 6 -7.72 8.97 -1.17
N SER B 7 -6.57 8.30 -1.05
CA SER B 7 -6.25 7.51 0.13
C SER B 7 -5.60 8.36 1.23
N ALA B 8 -5.76 7.86 2.46
CA ALA B 8 -5.16 8.47 3.62
C ALA B 8 -4.18 7.48 4.24
N ASN B 9 -3.20 8.01 4.99
CA ASN B 9 -2.35 7.15 5.79
C ASN B 9 -2.80 7.32 7.23
N SER B 10 -2.19 6.58 8.16
CA SER B 10 -2.44 6.70 9.59
C SER B 10 -1.12 6.89 10.31
N ARG B 11 -1.18 7.29 11.58
CA ARG B 11 -0.03 7.32 12.45
C ARG B 11 -0.23 6.33 13.58
N LEU B 12 0.86 5.68 13.98
CA LEU B 12 0.86 4.75 15.09
C LEU B 12 1.75 5.30 16.19
N TYR B 13 1.26 5.30 17.42
CA TYR B 13 2.00 5.73 18.58
C TYR B 13 2.05 4.62 19.61
N ILE B 14 3.22 4.43 20.23
CA ILE B 14 3.43 3.44 21.28
C ILE B 14 4.04 4.14 22.49
N PRO B 15 3.21 4.56 23.48
CA PRO B 15 3.71 5.18 24.70
C PRO B 15 4.82 4.40 25.39
N LYS B 16 4.67 3.09 25.44
CA LYS B 16 5.59 2.26 26.21
C LYS B 16 7.01 2.40 25.68
N THR B 17 7.23 2.40 24.35
CA THR B 17 8.56 2.48 23.77
C THR B 17 8.89 3.91 23.36
N ASP B 18 7.95 4.83 23.59
CA ASP B 18 8.08 6.23 23.19
C ASP B 18 8.37 6.39 21.69
N GLN B 19 7.59 5.71 20.85
CA GLN B 19 7.82 5.75 19.42
C GLN B 19 6.53 6.07 18.68
N ASN B 20 6.69 6.58 17.46
CA ASN B 20 5.55 6.76 16.60
C ASN B 20 6.03 6.76 15.16
N TRP B 21 5.12 6.43 14.23
CA TRP B 21 5.42 6.45 12.81
C TRP B 21 4.17 6.83 12.03
N VAL B 22 4.39 7.31 10.81
CA VAL B 22 3.39 7.21 9.77
C VAL B 22 3.42 5.80 9.20
N VAL B 23 2.23 5.17 9.24
CA VAL B 23 2.04 3.82 8.72
C VAL B 23 1.68 3.95 7.25
N VAL B 24 2.50 3.38 6.36
CA VAL B 24 2.21 3.38 4.95
C VAL B 24 1.22 2.24 4.67
N SER B 25 0.71 2.23 3.44
CA SER B 25 -0.01 1.11 2.88
C SER B 25 0.97 0.10 2.29
N GLY B 26 0.67 -1.17 2.59
CA GLY B 26 1.37 -2.28 1.98
C GLY B 26 2.50 -2.76 2.87
N VAL B 27 2.93 -4.00 2.64
CA VAL B 27 3.93 -4.64 3.47
C VAL B 27 4.99 -5.29 2.60
N GLY B 28 5.09 -4.86 1.35
CA GLY B 28 6.21 -5.24 0.50
C GLY B 28 7.52 -4.64 1.04
N PRO B 29 8.67 -5.11 0.51
CA PRO B 29 9.97 -4.66 1.02
C PRO B 29 10.19 -3.16 0.85
N GLU B 30 9.69 -2.61 -0.26
CA GLU B 30 9.85 -1.17 -0.49
C GLU B 30 8.90 -0.40 0.40
N ASP B 31 7.70 -0.95 0.68
CA ASP B 31 6.74 -0.30 1.56
C ASP B 31 7.30 -0.10 2.95
N ILE B 32 7.88 -1.14 3.54
CA ILE B 32 8.25 -1.08 4.95
C ILE B 32 9.75 -0.89 5.13
N LYS B 33 10.44 -0.44 4.08
CA LYS B 33 11.86 -0.20 4.14
C LYS B 33 12.23 0.68 5.34
N TYR B 34 11.45 1.73 5.61
CA TYR B 34 11.80 2.74 6.59
C TYR B 34 10.85 2.76 7.79
N GLY B 35 9.81 1.95 7.80
CA GLY B 35 8.88 2.02 8.92
C GLY B 35 7.73 1.04 8.70
N PRO B 36 6.73 1.02 9.59
CA PRO B 36 5.65 0.08 9.46
C PRO B 36 4.66 0.39 8.32
N GLY B 37 4.07 -0.71 7.86
CA GLY B 37 3.07 -0.72 6.80
C GLY B 37 1.89 -1.61 7.16
N TRP B 38 0.74 -1.25 6.59
CA TRP B 38 -0.54 -1.87 6.81
C TRP B 38 -0.81 -2.92 5.74
N PHE B 39 -1.17 -4.12 6.19
CA PHE B 39 -1.64 -5.18 5.31
C PHE B 39 -2.97 -4.72 4.69
N PRO B 40 -3.04 -4.54 3.36
CA PRO B 40 -4.27 -4.08 2.71
C PRO B 40 -5.39 -5.11 2.74
N GLU B 41 -5.06 -6.41 2.87
CA GLU B 41 -6.09 -7.44 2.89
C GLU B 41 -5.96 -8.31 4.15
N SER B 42 -7.10 -8.76 4.67
CA SER B 42 -7.16 -9.72 5.77
C SER B 42 -7.43 -11.11 5.23
N TRP B 43 -6.99 -12.13 5.97
CA TRP B 43 -7.11 -13.51 5.52
C TRP B 43 -8.42 -14.10 6.05
N THR B 44 -9.12 -14.85 5.20
CA THR B 44 -10.20 -15.72 5.66
C THR B 44 -10.05 -17.07 4.98
N PRO B 45 -10.67 -18.15 5.52
CA PRO B 45 -10.63 -19.45 4.85
C PRO B 45 -11.16 -19.43 3.42
N GLU B 46 -12.04 -18.49 3.07
CA GLU B 46 -12.58 -18.40 1.73
C GLU B 46 -11.81 -17.45 0.81
N GLY B 47 -10.73 -16.83 1.28
CA GLY B 47 -9.89 -15.96 0.46
C GLY B 47 -9.66 -14.62 1.14
N MET B 48 -8.84 -13.78 0.50
CA MET B 48 -8.46 -12.49 1.09
C MET B 48 -9.62 -11.53 0.94
N VAL B 49 -9.81 -10.66 1.96
CA VAL B 49 -10.83 -9.63 1.95
C VAL B 49 -10.19 -8.28 2.32
N PRO B 50 -10.83 -7.13 2.01
CA PRO B 50 -10.27 -5.84 2.40
C PRO B 50 -10.10 -5.77 3.92
N ALA B 51 -8.93 -5.29 4.34
CA ALA B 51 -8.62 -5.18 5.76
C ALA B 51 -9.35 -3.98 6.35
N ALA B 52 -9.56 -4.01 7.66
CA ALA B 52 -10.09 -2.86 8.38
C ALA B 52 -9.21 -1.64 8.19
N ARG B 53 -9.86 -0.48 8.06
CA ARG B 53 -9.19 0.80 8.11
C ARG B 53 -9.04 1.13 9.58
N ALA B 54 -8.27 2.17 9.90
CA ALA B 54 -7.95 2.48 11.28
C ALA B 54 -9.23 2.63 12.10
N GLY B 55 -9.28 1.97 13.26
CA GLY B 55 -10.35 2.19 14.23
C GLY B 55 -11.61 1.38 13.91
N GLN B 56 -11.62 0.64 12.78
CA GLN B 56 -12.83 0.02 12.26
C GLN B 56 -12.92 -1.47 12.63
N PRO B 57 -14.14 -2.04 12.63
CA PRO B 57 -14.30 -3.46 12.93
C PRO B 57 -13.43 -4.27 11.98
N GLY B 58 -12.79 -5.29 12.54
CA GLY B 58 -11.86 -6.11 11.77
C GLY B 58 -10.48 -6.02 12.40
N ASN B 59 -9.46 -6.16 11.55
CA ASN B 59 -8.10 -6.34 12.06
C ASN B 59 -7.18 -5.42 11.27
N TYR B 60 -6.83 -4.29 11.88
CA TYR B 60 -5.85 -3.40 11.27
C TYR B 60 -4.46 -3.94 11.60
N ALA B 61 -3.84 -4.59 10.61
CA ALA B 61 -2.60 -5.29 10.84
C ALA B 61 -1.43 -4.54 10.21
N VAL B 62 -0.31 -4.54 10.95
CA VAL B 62 0.88 -3.79 10.56
C VAL B 62 2.12 -4.68 10.64
N ALA B 63 2.97 -4.61 9.62
CA ALA B 63 4.29 -5.23 9.64
C ALA B 63 5.39 -4.18 9.75
N GLY B 64 6.39 -4.46 10.57
CA GLY B 64 7.59 -3.62 10.64
C GLY B 64 8.81 -4.47 10.95
N HIS B 65 9.98 -4.03 10.45
CA HIS B 65 11.21 -4.74 10.65
C HIS B 65 11.59 -4.69 12.13
N ARG B 66 12.32 -5.73 12.54
CA ARG B 66 12.78 -5.87 13.91
C ARG B 66 14.12 -5.13 14.04
N VAL B 67 14.03 -3.81 14.08
CA VAL B 67 15.20 -2.93 14.00
C VAL B 67 14.95 -1.76 14.93
N ALA B 68 16.03 -1.04 15.24
CA ALA B 68 16.05 0.00 16.28
C ALA B 68 14.97 1.06 16.04
N ALA B 69 14.84 1.51 14.79
CA ALA B 69 13.94 2.62 14.51
C ALA B 69 12.49 2.17 14.35
N VAL B 70 12.24 0.85 14.35
CA VAL B 70 10.89 0.33 14.15
C VAL B 70 10.56 -0.63 15.31
N PHE B 71 10.41 -1.94 15.07
CA PHE B 71 9.75 -2.80 16.03
C PHE B 71 10.70 -3.66 16.86
N TRP B 72 11.96 -3.25 17.02
CA TRP B 72 12.86 -3.96 17.91
C TRP B 72 12.24 -4.25 19.28
N ASP B 73 11.60 -3.25 19.89
CA ASP B 73 11.17 -3.33 21.28
C ASP B 73 9.73 -3.77 21.44
N LEU B 74 9.13 -4.38 20.41
CA LEU B 74 7.74 -4.80 20.49
C LEU B 74 7.52 -5.85 21.59
N ASP B 75 8.58 -6.61 21.92
CA ASP B 75 8.50 -7.60 22.99
C ASP B 75 8.27 -6.93 24.35
N LYS B 76 8.46 -5.61 24.48
CA LYS B 76 8.26 -4.96 25.76
C LYS B 76 6.80 -4.69 26.07
N LEU B 77 5.95 -4.79 25.05
CA LEU B 77 4.52 -4.58 25.25
C LEU B 77 3.93 -5.75 26.02
N GLU B 78 3.10 -5.40 27.01
CA GLU B 78 2.40 -6.33 27.88
C GLU B 78 0.89 -6.06 27.83
N GLU B 79 0.10 -7.08 28.22
CA GLU B 79 -1.34 -6.92 28.34
C GLU B 79 -1.65 -5.63 29.09
N GLY B 80 -2.59 -4.86 28.56
CA GLY B 80 -2.99 -3.60 29.16
C GLY B 80 -2.36 -2.38 28.47
N ASP B 81 -1.15 -2.54 27.90
CA ASP B 81 -0.46 -1.41 27.29
C ASP B 81 -1.28 -0.82 26.14
N GLU B 82 -1.15 0.49 25.98
CA GLU B 82 -1.94 1.24 25.00
C GLU B 82 -1.10 1.46 23.75
N LEU B 83 -1.81 1.40 22.63
CA LEU B 83 -1.35 1.76 21.31
C LEU B 83 -2.36 2.73 20.71
N VAL B 84 -1.87 3.75 19.99
CA VAL B 84 -2.80 4.72 19.44
C VAL B 84 -2.61 4.76 17.92
N LEU B 85 -3.73 4.64 17.23
CA LEU B 85 -3.77 4.78 15.80
C LEU B 85 -4.55 6.05 15.47
N GLU B 86 -4.01 6.89 14.60
CA GLU B 86 -4.61 8.16 14.25
C GLU B 86 -4.96 8.15 12.78
N ASP B 87 -6.21 8.48 12.43
CA ASP B 87 -6.57 8.74 11.04
C ASP B 87 -6.84 10.24 10.91
N ALA B 88 -7.49 10.62 9.82
CA ALA B 88 -7.77 12.03 9.57
C ALA B 88 -8.73 12.61 10.61
N GLU B 89 -9.54 11.79 11.30
CA GLU B 89 -10.61 12.34 12.14
C GLU B 89 -10.42 12.02 13.61
N ASN B 90 -9.81 10.88 13.94
CA ASN B 90 -9.83 10.41 15.32
C ASN B 90 -8.50 9.83 15.75
N PHE B 91 -8.32 9.80 17.06
CA PHE B 91 -7.36 8.95 17.72
C PHE B 91 -8.09 7.72 18.27
N TYR B 92 -7.63 6.52 17.85
CA TYR B 92 -8.18 5.27 18.36
C TYR B 92 -7.16 4.66 19.32
N THR B 93 -7.56 4.49 20.59
CA THR B 93 -6.74 3.82 21.57
C THR B 93 -7.12 2.34 21.61
N TYR B 94 -6.13 1.49 21.40
CA TYR B 94 -6.27 0.06 21.57
C TYR B 94 -5.45 -0.36 22.80
N GLN B 95 -5.87 -1.46 23.41
CA GLN B 95 -5.13 -2.03 24.51
C GLN B 95 -4.68 -3.43 24.16
N VAL B 96 -3.43 -3.74 24.46
CA VAL B 96 -2.89 -5.05 24.16
C VAL B 96 -3.66 -6.10 24.97
N VAL B 97 -4.09 -7.14 24.27
CA VAL B 97 -4.77 -8.28 24.88
C VAL B 97 -3.90 -9.52 24.78
N GLU B 98 -2.99 -9.57 23.79
CA GLU B 98 -2.14 -10.74 23.65
C GLU B 98 -0.86 -10.43 22.88
N SER B 99 0.23 -11.06 23.31
CA SER B 99 1.47 -11.11 22.57
C SER B 99 1.86 -12.57 22.39
N LYS B 100 2.25 -12.97 21.18
CA LYS B 100 2.60 -14.36 20.96
C LYS B 100 3.56 -14.51 19.78
N VAL B 101 4.15 -15.71 19.71
CA VAL B 101 5.10 -16.05 18.67
C VAL B 101 4.46 -17.10 17.79
N VAL B 102 4.58 -16.91 16.47
CA VAL B 102 3.99 -17.84 15.52
C VAL B 102 5.03 -18.13 14.44
N LEU B 103 4.75 -19.15 13.62
CA LEU B 103 5.56 -19.45 12.45
C LEU B 103 5.25 -18.47 11.32
N PRO B 104 6.14 -18.29 10.32
CA PRO B 104 5.91 -17.28 9.28
C PRO B 104 4.63 -17.51 8.47
N ASN B 105 4.12 -18.75 8.46
CA ASN B 105 3.00 -19.07 7.61
C ASN B 105 1.66 -18.97 8.36
N ALA B 106 1.67 -18.49 9.63
CA ALA B 106 0.47 -18.37 10.45
C ALA B 106 -0.35 -17.15 10.04
N ILE B 107 -0.88 -17.19 8.81
CA ILE B 107 -1.55 -16.06 8.18
C ILE B 107 -2.83 -15.73 8.92
N GLU B 108 -3.33 -16.67 9.72
CA GLU B 108 -4.51 -16.45 10.57
C GLU B 108 -4.39 -15.20 11.46
N VAL B 109 -3.18 -14.76 11.78
CA VAL B 109 -3.03 -13.64 12.70
C VAL B 109 -3.56 -12.36 12.04
N ILE B 110 -3.72 -12.33 10.71
CA ILE B 110 -4.26 -11.16 10.04
C ILE B 110 -5.71 -11.40 9.58
N ALA B 111 -6.37 -12.39 10.14
CA ALA B 111 -7.80 -12.56 9.92
C ALA B 111 -8.56 -11.40 10.55
N PRO B 112 -9.76 -11.08 10.01
CA PRO B 112 -10.55 -9.98 10.55
C PRO B 112 -10.82 -10.09 12.04
N ASP B 113 -11.09 -11.32 12.51
CA ASP B 113 -11.06 -11.60 13.93
C ASP B 113 -9.96 -12.60 14.19
N PRO B 114 -8.78 -12.19 14.67
CA PRO B 114 -7.70 -13.14 14.88
C PRO B 114 -7.96 -14.12 16.05
N PHE B 115 -9.01 -13.91 16.84
CA PHE B 115 -9.36 -14.90 17.86
C PHE B 115 -10.40 -15.90 17.35
N ASN B 116 -10.96 -15.65 16.15
CA ASN B 116 -11.84 -16.57 15.44
C ASN B 116 -11.49 -16.52 13.95
N PRO B 117 -10.27 -16.95 13.56
CA PRO B 117 -9.84 -16.81 12.17
C PRO B 117 -10.64 -17.58 11.14
N GLU B 118 -11.34 -18.63 11.57
CA GLU B 118 -12.09 -19.48 10.67
C GLU B 118 -13.47 -18.88 10.40
N SER B 119 -13.90 -17.88 11.17
CA SER B 119 -15.18 -17.23 10.90
C SER B 119 -15.14 -16.61 9.49
N THR B 120 -16.30 -16.62 8.82
CA THR B 120 -16.45 -15.93 7.54
C THR B 120 -17.58 -14.90 7.67
N GLU B 121 -18.06 -14.70 8.90
CA GLU B 121 -18.98 -13.62 9.23
C GLU B 121 -18.25 -12.30 9.36
N GLU B 122 -19.02 -11.21 9.22
CA GLU B 122 -18.50 -9.87 9.37
C GLU B 122 -17.94 -9.66 10.76
N PRO B 123 -16.77 -9.03 10.88
CA PRO B 123 -16.21 -8.76 12.19
C PRO B 123 -17.07 -7.68 12.85
N GLU B 124 -17.08 -7.69 14.19
CA GLU B 124 -17.79 -6.68 14.95
C GLU B 124 -16.78 -5.93 15.82
N LYS B 125 -15.74 -6.61 16.32
CA LYS B 125 -14.75 -5.96 17.16
C LYS B 125 -13.64 -5.36 16.29
N ALA B 126 -13.08 -4.26 16.80
CA ALA B 126 -11.95 -3.59 16.15
C ALA B 126 -10.66 -3.99 16.86
N TYR B 127 -9.80 -4.65 16.09
CA TYR B 127 -8.47 -5.01 16.56
C TYR B 127 -7.37 -4.29 15.78
N LEU B 128 -6.23 -4.16 16.49
CA LEU B 128 -4.97 -3.74 15.91
C LEU B 128 -3.94 -4.85 16.15
N THR B 129 -3.26 -5.24 15.08
CA THR B 129 -2.23 -6.26 15.17
C THR B 129 -0.90 -5.69 14.67
N LEU B 130 0.14 -5.84 15.50
CA LEU B 130 1.52 -5.49 15.13
C LEU B 130 2.31 -6.77 14.95
N THR B 131 3.03 -6.89 13.84
CA THR B 131 3.82 -8.07 13.53
C THR B 131 5.26 -7.66 13.24
N THR B 132 6.20 -8.51 13.63
CA THR B 132 7.60 -8.32 13.30
C THR B 132 8.33 -9.67 13.34
N CYS B 133 9.58 -9.65 12.92
CA CYS B 133 10.41 -10.86 12.90
C CYS B 133 10.84 -11.21 14.32
N HIS B 134 11.07 -12.50 14.53
CA HIS B 134 11.38 -12.97 15.86
C HIS B 134 12.12 -14.29 15.73
N PRO B 135 13.02 -14.67 16.66
CA PRO B 135 13.63 -13.80 17.64
C PRO B 135 14.40 -12.63 17.04
N LYS B 136 14.88 -11.75 17.90
CA LYS B 136 15.88 -10.77 17.56
C LYS B 136 17.00 -11.40 16.73
N LEU B 137 17.29 -10.79 15.59
CA LEU B 137 18.41 -11.12 14.70
C LEU B 137 18.18 -12.46 14.03
N GLN B 138 16.92 -12.88 13.94
CA GLN B 138 16.46 -14.07 13.23
C GLN B 138 15.16 -13.76 12.50
N ASN B 139 14.77 -14.60 11.57
CA ASN B 139 13.50 -14.38 10.90
C ASN B 139 12.77 -15.70 10.78
N SER B 140 12.99 -16.55 11.78
CA SER B 140 12.43 -17.89 11.75
C SER B 140 10.96 -17.82 12.16
N HIS B 141 10.58 -16.81 12.93
CA HIS B 141 9.25 -16.71 13.52
C HIS B 141 8.76 -15.28 13.40
N ARG B 142 7.54 -15.06 13.93
CA ARG B 142 6.92 -13.75 13.95
C ARG B 142 6.42 -13.49 15.36
N LEU B 143 6.72 -12.28 15.85
CA LEU B 143 6.17 -11.76 17.07
C LEU B 143 4.95 -10.95 16.70
N ILE B 144 3.84 -11.28 17.38
CA ILE B 144 2.52 -10.77 17.06
C ILE B 144 1.98 -10.13 18.33
N VAL B 145 1.51 -8.89 18.23
CA VAL B 145 0.83 -8.24 19.32
C VAL B 145 -0.57 -7.89 18.81
N HIS B 146 -1.60 -8.42 19.50
CA HIS B 146 -2.97 -8.09 19.23
C HIS B 146 -3.49 -7.15 20.31
N ALA B 147 -4.24 -6.13 19.90
CA ALA B 147 -4.82 -5.18 20.83
C ALA B 147 -6.25 -4.83 20.40
N GLU B 148 -7.10 -4.53 21.38
CA GLU B 148 -8.51 -4.29 21.10
C GLU B 148 -8.87 -2.82 21.31
N LEU B 149 -9.75 -2.29 20.47
CA LEU B 149 -10.16 -0.89 20.57
C LEU B 149 -10.84 -0.63 21.91
N VAL B 150 -10.38 0.37 22.67
CA VAL B 150 -11.03 0.76 23.91
C VAL B 150 -11.52 2.21 23.87
N ASP B 151 -11.12 3.04 22.89
CA ASP B 151 -11.50 4.44 22.94
C ASP B 151 -11.34 5.10 21.59
N THR B 152 -12.30 5.96 21.24
CA THR B 152 -12.27 6.74 20.02
C THR B 152 -12.38 8.20 20.42
N ARG B 153 -11.33 9.00 20.17
CA ARG B 153 -11.29 10.40 20.54
C ARG B 153 -11.18 11.24 19.28
N PRO B 154 -12.17 12.11 18.97
CA PRO B 154 -12.09 12.96 17.78
C PRO B 154 -10.97 13.98 17.97
N LYS B 155 -10.31 14.29 16.86
CA LYS B 155 -9.11 15.10 16.87
C LYS B 155 -9.42 16.52 17.32
N GLU B 156 -10.65 16.97 17.11
CA GLU B 156 -11.10 18.25 17.64
C GLU B 156 -10.80 18.36 19.14
N ARG B 157 -10.72 17.25 19.87
CA ARG B 157 -10.49 17.34 21.30
C ARG B 157 -9.00 17.32 21.64
N GLY B 158 -8.14 17.34 20.63
CA GLY B 158 -6.71 17.29 20.87
C GLY B 158 -6.22 15.87 21.18
N MET B 159 -4.92 15.76 21.44
CA MET B 159 -4.24 14.48 21.51
C MET B 159 -4.42 13.91 22.90
N PRO B 160 -4.51 12.58 23.06
CA PRO B 160 -4.42 11.94 24.38
C PRO B 160 -3.15 12.39 25.09
N ASP B 161 -3.23 12.54 26.42
CA ASP B 161 -2.12 13.06 27.22
C ASP B 161 -0.86 12.22 27.02
N ASN B 162 -1.00 10.91 26.93
CA ASN B 162 0.15 10.01 26.89
C ASN B 162 0.90 10.08 25.56
N ILE B 163 0.37 10.75 24.53
CA ILE B 163 1.13 10.85 23.30
C ILE B 163 1.32 12.30 22.88
N ALA B 164 0.91 13.28 23.71
CA ALA B 164 0.87 14.67 23.27
C ALA B 164 2.26 15.26 23.02
N HIS B 165 3.32 14.59 23.51
CA HIS B 165 4.68 15.07 23.31
C HIS B 165 5.29 14.57 21.99
N MET B 166 4.60 13.69 21.26
CA MET B 166 5.12 13.06 20.06
C MET B 166 4.78 13.89 18.84
N ALA B 167 5.59 14.93 18.61
CA ALA B 167 5.33 15.89 17.57
C ALA B 167 5.82 15.37 16.22
N PRO B 168 5.13 15.74 15.11
CA PRO B 168 5.65 15.52 13.76
C PRO B 168 6.70 16.58 13.41
N GLU B 169 7.35 16.36 12.27
CA GLU B 169 8.23 17.33 11.61
C GLU B 169 7.48 18.21 10.61
N ASN B 170 6.28 17.83 10.13
CA ASN B 170 5.64 18.48 8.98
C ASN B 170 4.15 18.76 9.23
N GLY B 173 0.64 15.55 7.28
CA GLY B 173 -0.16 15.15 6.09
C GLY B 173 -0.50 13.66 6.12
N LEU B 174 -1.71 13.35 6.60
CA LEU B 174 -2.26 12.01 6.49
C LEU B 174 -3.14 11.91 5.26
N GLU B 175 -3.61 13.06 4.77
CA GLU B 175 -4.46 13.15 3.60
C GLU B 175 -3.83 14.04 2.55
N HIS B 176 -4.26 13.85 1.29
CA HIS B 176 -3.82 14.75 0.23
C HIS B 176 -4.58 16.07 0.38
CL CL C . 0.91 21.94 -18.46
NA NA D . 7.66 4.77 -5.34
C1 GOL E . 3.05 -2.74 -5.24
O1 GOL E . 4.32 -2.25 -5.66
C2 GOL E . 2.41 -3.55 -6.34
O2 GOL E . 3.36 -3.85 -7.38
C3 GOL E . 1.79 -4.84 -5.84
O3 GOL E . 0.74 -5.24 -6.70
C1 GOL F . 14.36 8.00 -11.71
O1 GOL F . 14.50 7.68 -13.08
C2 GOL F . 13.83 9.41 -11.50
O2 GOL F . 13.36 9.52 -10.16
C3 GOL F . 14.85 10.49 -11.78
O3 GOL F . 14.33 11.50 -12.65
C1 GOL G . 7.55 3.47 1.60
O1 GOL G . 8.97 3.43 1.49
C2 GOL G . 6.96 4.54 0.71
O2 GOL G . 5.54 4.47 0.75
C3 GOL G . 7.43 5.94 1.04
O3 GOL G . 6.76 6.46 2.18
NA NA H . 4.05 2.43 0.82
CL CL I . 14.52 -12.35 20.96
NA NA J . 6.00 3.61 7.70
C1 GOL K . -4.82 2.34 5.29
O1 GOL K . -6.13 2.62 5.76
C2 GOL K . -3.81 3.30 5.88
O2 GOL K . -3.93 3.35 7.31
C3 GOL K . -2.38 2.95 5.52
O3 GOL K . -1.51 3.97 5.97
C1 GOL L . 10.71 6.76 17.06
O1 GOL L . 9.36 6.89 16.65
C2 GOL L . 11.40 5.60 16.38
O2 GOL L . 11.32 5.74 14.96
C3 GOL L . 12.84 5.47 16.80
O3 GOL L . 12.96 4.72 18.00
#